data_8SRN
#
_entry.id   8SRN
#
_cell.length_a   54.008
_cell.length_b   71.408
_cell.length_c   101.064
_cell.angle_alpha   90.00
_cell.angle_beta   90.00
_cell.angle_gamma   90.00
#
_symmetry.space_group_name_H-M   'C 2 2 21'
#
_entity_poly.entity_id   1
_entity_poly.type   'polypeptide(L)'
_entity_poly.pdbx_seq_one_letter_code
;GAPDSWEAGVILIALGVFVLYLGVKLLKFA
;
_entity_poly.pdbx_strand_id   A,B,C,D,E,F
#
# COMPACT_ATOMS: atom_id res chain seq x y z
N SER A 5 4.00 -1.39 19.66
CA SER A 5 4.34 -2.42 20.64
C SER A 5 4.67 -3.74 19.93
N TRP A 6 4.73 -4.83 20.68
CA TRP A 6 5.03 -6.13 20.10
C TRP A 6 3.78 -6.73 19.44
N GLU A 7 2.64 -6.69 20.12
CA GLU A 7 1.41 -7.21 19.56
C GLU A 7 1.08 -6.53 18.23
N ALA A 8 1.43 -5.25 18.08
CA ALA A 8 1.14 -4.55 16.83
C ALA A 8 1.98 -5.13 15.69
N GLY A 9 3.26 -5.40 15.94
CA GLY A 9 4.08 -6.06 14.94
C GLY A 9 3.59 -7.44 14.60
N VAL A 10 3.15 -8.20 15.60
CA VAL A 10 2.63 -9.54 15.36
C VAL A 10 1.37 -9.48 14.49
N ILE A 11 0.47 -8.53 14.80
CA ILE A 11 -0.72 -8.32 14.00
C ILE A 11 -0.35 -7.98 12.55
N LEU A 12 0.59 -7.04 12.38
CA LEU A 12 1.01 -6.68 11.03
C LEU A 12 1.59 -7.88 10.29
N ILE A 13 2.31 -8.74 11.00
CA ILE A 13 2.85 -9.95 10.37
C ILE A 13 1.72 -10.84 9.87
N ALA A 14 0.70 -11.03 10.70
CA ALA A 14 -0.47 -11.79 10.27
C ALA A 14 -1.12 -11.16 9.03
N LEU A 15 -1.28 -9.84 9.05
CA LEU A 15 -1.87 -9.13 7.92
C LEU A 15 -1.05 -9.37 6.65
N GLY A 16 0.27 -9.25 6.76
CA GLY A 16 1.13 -9.46 5.62
C GLY A 16 1.04 -10.88 5.08
N VAL A 17 1.00 -11.87 5.97
CA VAL A 17 0.83 -13.26 5.53
C VAL A 17 -0.47 -13.42 4.74
N PHE A 18 -1.57 -12.87 5.26
CA PHE A 18 -2.86 -13.00 4.57
C PHE A 18 -2.82 -12.33 3.20
N VAL A 19 -2.34 -11.09 3.15
CA VAL A 19 -2.30 -10.34 1.89
C VAL A 19 -1.38 -11.02 0.90
N LEU A 20 -0.26 -11.56 1.40
CA LEU A 20 0.67 -12.30 0.55
C LEU A 20 0.02 -13.56 -0.03
N TYR A 21 -0.76 -14.29 0.77
CA TYR A 21 -1.45 -15.45 0.23
C TYR A 21 -2.44 -15.05 -0.85
N LEU A 22 -3.20 -13.97 -0.63
CA LEU A 22 -4.11 -13.51 -1.67
C LEU A 22 -3.35 -13.15 -2.94
N GLY A 23 -2.21 -12.48 -2.79
CA GLY A 23 -1.38 -12.16 -3.94
C GLY A 23 -0.91 -13.38 -4.70
N VAL A 24 -0.44 -14.40 -3.98
CA VAL A 24 0.04 -15.61 -4.64
C VAL A 24 -1.10 -16.34 -5.33
N LYS A 25 -2.27 -16.40 -4.68
CA LYS A 25 -3.42 -17.06 -5.28
C LYS A 25 -3.87 -16.33 -6.54
N LEU A 26 -3.65 -15.01 -6.60
CA LEU A 26 -4.07 -14.21 -7.73
C LEU A 26 -3.22 -14.44 -8.97
N LEU A 27 -2.04 -15.05 -8.82
CA LEU A 27 -1.23 -15.42 -9.97
C LEU A 27 -1.82 -16.64 -10.65
N SER B 5 -3.81 -10.68 -15.23
CA SER B 5 -3.79 -10.69 -13.77
C SER B 5 -2.41 -10.99 -13.23
N TRP B 6 -1.38 -10.51 -13.93
CA TRP B 6 -0.01 -10.68 -13.45
C TRP B 6 0.35 -9.61 -12.43
N GLU B 7 0.17 -8.34 -12.80
CA GLU B 7 0.52 -7.22 -11.93
C GLU B 7 -0.23 -7.27 -10.60
N ALA B 8 -1.46 -7.77 -10.58
CA ALA B 8 -2.22 -7.75 -9.33
C ALA B 8 -1.59 -8.65 -8.28
N GLY B 9 -1.17 -9.86 -8.67
CA GLY B 9 -0.49 -10.72 -7.73
C GLY B 9 0.83 -10.16 -7.25
N VAL B 10 1.60 -9.55 -8.15
CA VAL B 10 2.88 -8.95 -7.76
C VAL B 10 2.66 -7.80 -6.78
N ILE B 11 1.68 -6.94 -7.07
CA ILE B 11 1.37 -5.82 -6.19
C ILE B 11 0.96 -6.32 -4.80
N LEU B 12 0.02 -7.28 -4.75
CA LEU B 12 -0.43 -7.78 -3.46
C LEU B 12 0.69 -8.49 -2.69
N ILE B 13 1.54 -9.23 -3.41
CA ILE B 13 2.67 -9.90 -2.77
C ILE B 13 3.63 -8.90 -2.17
N ALA B 14 3.97 -7.85 -2.94
CA ALA B 14 4.82 -6.79 -2.42
C ALA B 14 4.22 -6.15 -1.19
N LEU B 15 2.91 -5.87 -1.24
CA LEU B 15 2.22 -5.28 -0.09
C LEU B 15 2.34 -6.16 1.14
N GLY B 16 2.08 -7.46 0.98
CA GLY B 16 2.17 -8.37 2.10
C GLY B 16 3.58 -8.47 2.67
N VAL B 17 4.58 -8.55 1.78
CA VAL B 17 5.97 -8.56 2.21
C VAL B 17 6.28 -7.30 3.01
N PHE B 18 5.81 -6.15 2.53
CA PHE B 18 6.05 -4.88 3.22
C PHE B 18 5.43 -4.88 4.62
N VAL B 19 4.17 -5.32 4.72
CA VAL B 19 3.49 -5.30 6.01
C VAL B 19 4.17 -6.27 6.97
N LEU B 20 4.59 -7.43 6.46
CA LEU B 20 5.36 -8.37 7.28
C LEU B 20 6.67 -7.74 7.74
N TYR B 21 7.33 -6.99 6.84
CA TYR B 21 8.56 -6.29 7.20
C TYR B 21 8.31 -5.30 8.33
N LEU B 22 7.22 -4.53 8.25
CA LEU B 22 6.88 -3.63 9.35
C LEU B 22 6.63 -4.40 10.65
N GLY B 23 5.91 -5.52 10.56
CA GLY B 23 5.68 -6.31 11.75
C GLY B 23 6.97 -6.76 12.41
N VAL B 24 7.92 -7.22 11.61
CA VAL B 24 9.22 -7.63 12.15
C VAL B 24 9.99 -6.42 12.67
N LYS B 25 9.89 -5.28 11.99
CA LYS B 25 10.57 -4.06 12.42
C LYS B 25 10.05 -3.57 13.76
N LEU B 26 8.78 -3.80 14.07
CA LEU B 26 8.25 -3.36 15.35
C LEU B 26 8.79 -4.21 16.48
N LEU B 27 9.30 -5.41 16.16
CA LEU B 27 9.98 -6.26 17.14
C LEU B 27 11.41 -5.75 17.36
N LYS B 28 11.49 -4.47 17.70
CA LYS B 28 12.76 -3.80 17.94
C LYS B 28 12.64 -2.77 19.05
N TRP C 6 -15.59 -7.80 2.51
CA TRP C 6 -15.06 -9.14 2.29
C TRP C 6 -13.61 -9.25 2.78
N GLU C 7 -12.99 -10.41 2.51
CA GLU C 7 -11.60 -10.61 2.89
C GLU C 7 -10.70 -9.54 2.27
N ALA C 8 -11.09 -9.01 1.11
CA ALA C 8 -10.29 -8.02 0.40
C ALA C 8 -10.10 -6.76 1.23
N GLY C 9 -11.03 -6.49 2.14
CA GLY C 9 -10.88 -5.34 3.04
C GLY C 9 -9.58 -5.39 3.81
N VAL C 10 -9.09 -6.59 4.12
CA VAL C 10 -7.81 -6.72 4.83
C VAL C 10 -6.72 -6.02 4.03
N ILE C 11 -6.75 -6.17 2.71
CA ILE C 11 -5.78 -5.51 1.82
C ILE C 11 -5.75 -4.02 2.10
N LEU C 12 -6.93 -3.39 2.20
CA LEU C 12 -6.97 -1.96 2.44
C LEU C 12 -6.21 -1.59 3.70
N ILE C 13 -6.35 -2.41 4.74
CA ILE C 13 -5.64 -2.12 5.99
C ILE C 13 -4.15 -2.12 5.73
N ALA C 14 -3.67 -3.16 5.04
CA ALA C 14 -2.27 -3.22 4.67
C ALA C 14 -1.89 -2.00 3.85
N LEU C 15 -2.72 -1.68 2.85
CA LEU C 15 -2.44 -0.52 2.02
C LEU C 15 -2.36 0.73 2.88
N GLY C 16 -3.33 0.91 3.77
CA GLY C 16 -3.29 2.08 4.64
C GLY C 16 -2.05 2.08 5.49
N VAL C 17 -1.70 0.90 6.03
CA VAL C 17 -0.48 0.78 6.82
C VAL C 17 0.72 1.25 6.02
N PHE C 18 0.76 0.86 4.74
CA PHE C 18 1.87 1.32 3.90
C PHE C 18 1.83 2.83 3.75
N VAL C 19 0.68 3.37 3.36
CA VAL C 19 0.60 4.79 3.02
C VAL C 19 0.91 5.62 4.26
N LEU C 20 0.31 5.24 5.38
CA LEU C 20 0.57 5.94 6.63
C LEU C 20 2.04 5.88 6.96
N TYR C 21 2.66 4.70 6.82
CA TYR C 21 4.08 4.60 7.13
C TYR C 21 4.87 5.54 6.23
N LEU C 22 4.57 5.54 4.94
CA LEU C 22 5.31 6.41 4.04
C LEU C 22 5.16 7.85 4.48
N GLY C 23 3.94 8.25 4.84
CA GLY C 23 3.74 9.61 5.30
C GLY C 23 4.59 9.93 6.51
N VAL C 24 4.60 9.02 7.48
CA VAL C 24 5.39 9.29 8.68
C VAL C 24 6.85 9.33 8.32
N LYS C 25 7.27 8.45 7.41
CA LYS C 25 8.67 8.45 6.99
C LYS C 25 9.03 9.76 6.31
N LEU C 26 8.07 10.37 5.60
CA LEU C 26 8.37 11.65 4.96
C LEU C 26 8.32 12.80 5.95
N LEU C 27 7.61 12.62 7.07
CA LEU C 27 7.58 13.68 8.08
C LEU C 27 8.83 13.66 8.94
N LYS C 28 9.47 12.49 9.07
CA LYS C 28 10.73 12.40 9.80
C LYS C 28 11.87 13.11 9.09
N PHE C 29 11.71 13.47 7.82
CA PHE C 29 12.72 14.22 7.10
C PHE C 29 12.15 15.52 6.55
N ASP D 4 7.51 21.20 -0.35
CA ASP D 4 8.15 20.70 0.87
C ASP D 4 7.59 19.32 1.22
N SER D 5 8.47 18.41 1.64
CA SER D 5 8.04 17.06 1.97
C SER D 5 7.26 17.00 3.28
N TRP D 6 7.31 18.06 4.08
CA TRP D 6 6.44 18.24 5.24
C TRP D 6 5.01 17.90 4.84
N GLU D 7 4.39 18.82 4.09
CA GLU D 7 3.02 18.64 3.65
C GLU D 7 2.81 17.33 2.90
N ALA D 8 3.81 16.85 2.15
CA ALA D 8 3.60 15.61 1.39
C ALA D 8 3.44 14.42 2.32
N GLY D 9 4.32 14.30 3.32
CA GLY D 9 4.17 13.25 4.31
C GLY D 9 2.91 13.42 5.14
N VAL D 10 2.55 14.66 5.45
CA VAL D 10 1.34 14.94 6.22
C VAL D 10 0.10 14.48 5.46
N ILE D 11 0.04 14.83 4.16
CA ILE D 11 -1.06 14.39 3.30
C ILE D 11 -1.11 12.88 3.26
N LEU D 12 0.05 12.24 3.07
CA LEU D 12 0.08 10.77 3.03
C LEU D 12 -0.41 10.17 4.34
N ILE D 13 -0.10 10.81 5.47
CA ILE D 13 -0.60 10.32 6.76
C ILE D 13 -2.12 10.40 6.80
N ALA D 14 -2.68 11.51 6.35
CA ALA D 14 -4.14 11.62 6.28
C ALA D 14 -4.72 10.52 5.38
N LEU D 15 -4.09 10.31 4.23
CA LEU D 15 -4.51 9.28 3.28
C LEU D 15 -4.50 7.90 3.93
N GLY D 16 -3.40 7.58 4.61
CA GLY D 16 -3.29 6.29 5.27
C GLY D 16 -4.31 6.09 6.37
N VAL D 17 -4.55 7.13 7.18
CA VAL D 17 -5.58 7.05 8.21
C VAL D 17 -6.94 6.77 7.59
N PHE D 18 -7.26 7.49 6.52
CA PHE D 18 -8.55 7.30 5.86
C PHE D 18 -8.68 5.87 5.37
N VAL D 19 -7.65 5.36 4.68
CA VAL D 19 -7.71 4.01 4.14
C VAL D 19 -7.74 2.98 5.26
N LEU D 20 -6.99 3.20 6.35
CA LEU D 20 -7.02 2.30 7.50
C LEU D 20 -8.41 2.24 8.12
N TYR D 21 -9.06 3.40 8.28
CA TYR D 21 -10.42 3.43 8.78
C TYR D 21 -11.35 2.67 7.84
N LEU D 22 -11.16 2.86 6.54
CA LEU D 22 -11.96 2.15 5.56
C LEU D 22 -11.78 0.63 5.71
N GLY D 23 -10.54 0.20 5.86
CA GLY D 23 -10.26 -1.22 6.05
C GLY D 23 -10.91 -1.78 7.30
N VAL D 24 -10.82 -1.04 8.42
CA VAL D 24 -11.40 -1.53 9.66
C VAL D 24 -12.93 -1.57 9.57
N LYS D 25 -13.54 -0.55 8.96
CA LYS D 25 -14.99 -0.56 8.79
C LYS D 25 -15.44 -1.67 7.85
N LEU D 26 -14.65 -1.96 6.81
CA LEU D 26 -15.00 -3.00 5.86
C LEU D 26 -14.69 -4.39 6.39
N LEU D 27 -13.84 -4.50 7.40
CA LEU D 27 -13.53 -5.78 8.02
C LEU D 27 -14.64 -6.27 8.94
N LYS D 28 -15.66 -5.45 9.17
CA LYS D 28 -16.81 -5.86 9.96
C LYS D 28 -18.05 -6.05 9.08
N SER E 5 -18.53 5.94 -3.06
CA SER E 5 -17.66 5.96 -4.24
C SER E 5 -16.66 7.12 -4.17
N TRP E 6 -16.82 8.00 -3.18
CA TRP E 6 -15.80 9.01 -2.93
C TRP E 6 -14.54 8.37 -2.36
N GLU E 7 -14.70 7.47 -1.40
CA GLU E 7 -13.59 6.72 -0.84
C GLU E 7 -12.80 5.96 -1.89
N ALA E 8 -13.44 5.61 -3.02
CA ALA E 8 -12.77 4.83 -4.04
C ALA E 8 -11.59 5.59 -4.65
N GLY E 9 -11.75 6.89 -4.87
CA GLY E 9 -10.62 7.67 -5.36
C GLY E 9 -9.46 7.67 -4.39
N VAL E 10 -9.76 7.76 -3.10
CA VAL E 10 -8.72 7.70 -2.07
C VAL E 10 -8.04 6.32 -2.07
N ILE E 11 -8.84 5.26 -2.16
CA ILE E 11 -8.29 3.91 -2.24
C ILE E 11 -7.35 3.79 -3.43
N LEU E 12 -7.81 4.25 -4.59
CA LEU E 12 -7.00 4.19 -5.79
C LEU E 12 -5.72 5.02 -5.64
N ILE E 13 -5.80 6.17 -4.96
CA ILE E 13 -4.62 6.98 -4.73
C ILE E 13 -3.61 6.22 -3.88
N ALA E 14 -4.08 5.58 -2.79
CA ALA E 14 -3.20 4.77 -1.97
C ALA E 14 -2.57 3.64 -2.78
N LEU E 15 -3.40 2.93 -3.58
CA LEU E 15 -2.90 1.86 -4.42
C LEU E 15 -1.84 2.37 -5.38
N GLY E 16 -2.12 3.49 -6.04
CA GLY E 16 -1.15 4.06 -6.96
C GLY E 16 0.14 4.45 -6.28
N VAL E 17 0.06 5.02 -5.08
CA VAL E 17 1.27 5.35 -4.33
C VAL E 17 2.11 4.10 -4.11
N PHE E 18 1.47 3.01 -3.65
CA PHE E 18 2.23 1.78 -3.41
C PHE E 18 2.81 1.22 -4.71
N VAL E 19 2.00 1.16 -5.76
CA VAL E 19 2.43 0.54 -7.01
C VAL E 19 3.57 1.35 -7.62
N LEU E 20 3.48 2.67 -7.57
CA LEU E 20 4.57 3.52 -8.05
C LEU E 20 5.83 3.33 -7.23
N TYR E 21 5.69 3.26 -5.90
CA TYR E 21 6.84 3.03 -5.04
C TYR E 21 7.52 1.71 -5.39
N LEU E 22 6.71 0.66 -5.58
CA LEU E 22 7.22 -0.63 -6.00
C LEU E 22 7.92 -0.57 -7.35
N GLY E 23 7.31 0.10 -8.31
CA GLY E 23 7.92 0.22 -9.63
C GLY E 23 9.28 0.90 -9.58
N VAL E 24 9.37 2.01 -8.85
CA VAL E 24 10.65 2.72 -8.75
C VAL E 24 11.67 1.88 -8.00
N LYS E 25 11.24 1.18 -6.94
CA LYS E 25 12.17 0.35 -6.19
C LYS E 25 12.69 -0.82 -7.03
N LEU E 26 11.85 -1.39 -7.89
CA LEU E 26 12.30 -2.50 -8.72
C LEU E 26 13.12 -2.00 -9.91
N LEU E 27 12.90 -0.75 -10.33
CA LEU E 27 13.72 -0.17 -11.39
C LEU E 27 15.07 0.30 -10.87
N LYS E 28 15.17 0.56 -9.56
CA LYS E 28 16.45 0.86 -8.92
C LYS E 28 17.36 -0.35 -8.85
N PHE E 29 16.85 -1.54 -9.12
CA PHE E 29 17.68 -2.75 -9.12
C PHE E 29 18.58 -2.80 -10.36
N ASP F 4 12.99 -10.21 -13.87
CA ASP F 4 13.39 -9.03 -14.63
C ASP F 4 12.88 -7.77 -13.95
N SER F 5 13.60 -7.34 -12.91
CA SER F 5 13.15 -6.22 -12.08
C SER F 5 13.04 -4.93 -12.88
N TRP F 6 13.84 -4.80 -13.94
CA TRP F 6 13.81 -3.62 -14.79
C TRP F 6 12.46 -3.43 -15.46
N GLU F 7 12.18 -4.28 -16.45
CA GLU F 7 10.92 -4.19 -17.20
C GLU F 7 9.71 -4.25 -16.27
N ALA F 8 9.80 -5.04 -15.20
CA ALA F 8 8.67 -5.16 -14.28
C ALA F 8 8.45 -3.86 -13.52
N GLY F 9 9.53 -3.24 -13.05
CA GLY F 9 9.41 -1.96 -12.38
C GLY F 9 8.86 -0.89 -13.31
N VAL F 10 9.29 -0.90 -14.56
CA VAL F 10 8.79 0.07 -15.54
C VAL F 10 7.29 -0.10 -15.76
N ILE F 11 6.85 -1.34 -15.96
CA ILE F 11 5.42 -1.62 -16.13
C ILE F 11 4.65 -1.15 -14.91
N LEU F 12 5.13 -1.51 -13.71
CA LEU F 12 4.47 -1.11 -12.48
C LEU F 12 4.43 0.41 -12.31
N ILE F 13 5.47 1.12 -12.75
CA ILE F 13 5.45 2.58 -12.68
C ILE F 13 4.32 3.12 -13.54
N ALA F 14 4.20 2.60 -14.76
CA ALA F 14 3.10 3.00 -15.63
C ALA F 14 1.74 2.71 -14.98
N LEU F 15 1.61 1.51 -14.43
CA LEU F 15 0.35 1.12 -13.78
C LEU F 15 0.01 2.04 -12.60
N GLY F 16 1.00 2.31 -11.75
CA GLY F 16 0.76 3.18 -10.60
C GLY F 16 0.38 4.59 -11.00
N VAL F 17 1.07 5.14 -12.00
CA VAL F 17 0.69 6.45 -12.51
C VAL F 17 -0.75 6.42 -13.02
N PHE F 18 -1.10 5.37 -13.76
CA PHE F 18 -2.45 5.26 -14.31
C PHE F 18 -3.50 5.26 -13.19
N VAL F 19 -3.30 4.42 -12.18
CA VAL F 19 -4.28 4.30 -11.11
C VAL F 19 -4.35 5.58 -10.28
N LEU F 20 -3.20 6.21 -10.01
CA LEU F 20 -3.18 7.47 -9.29
C LEU F 20 -3.91 8.57 -10.06
N TYR F 21 -3.68 8.64 -11.37
CA TYR F 21 -4.38 9.62 -12.20
C TYR F 21 -5.88 9.39 -12.16
N LEU F 22 -6.30 8.13 -12.26
CA LEU F 22 -7.72 7.81 -12.14
C LEU F 22 -8.29 8.24 -10.80
N GLY F 23 -7.55 7.95 -9.72
CA GLY F 23 -8.00 8.34 -8.39
C GLY F 23 -8.18 9.84 -8.23
N VAL F 24 -7.19 10.60 -8.70
CA VAL F 24 -7.27 12.06 -8.59
C VAL F 24 -8.39 12.60 -9.48
N LYS F 25 -8.57 12.02 -10.66
CA LYS F 25 -9.67 12.44 -11.53
C LYS F 25 -11.02 12.15 -10.89
N LEU F 26 -11.10 11.10 -10.08
CA LEU F 26 -12.37 10.73 -9.46
C LEU F 26 -12.79 11.66 -8.33
N LEU F 27 -11.86 12.43 -7.75
CA LEU F 27 -12.19 13.38 -6.68
C LEU F 27 -12.82 14.65 -7.29
N LYS F 28 -14.05 14.50 -7.75
CA LYS F 28 -14.83 15.63 -8.24
C LYS F 28 -16.30 15.24 -8.45
#